data_3AC3
#
_entry.id   3AC3
#
_cell.length_a   42.213
_cell.length_b   73.730
_cell.length_c   92.674
_cell.angle_alpha   90.00
_cell.angle_beta   90.00
_cell.angle_gamma   90.00
#
_symmetry.space_group_name_H-M   'P 21 21 21'
#
loop_
_entity.id
_entity.type
_entity.pdbx_description
1 polymer 'Proto-oncogene tyrosine-protein kinase LCK'
2 non-polymer 'SULFATE ION'
3 non-polymer 2-[(3,5-dimethoxyphenyl)amino]-5-ethyl-7-[(2R)-2-(hydroxymethyl)pyrrolidin-1-yl]pyrazolo[1,5-a]pyrimidine-3-carboxamide
4 water water
#
_entity_poly.entity_id   1
_entity_poly.type   'polypeptide(L)'
_entity_poly.pdbx_seq_one_letter_code
;QTQKPQKPWWEDEWEVPRETLKLVERLGAGQFGEVWMGYYNGHTKVAVKSLKQGSMSPDAFLAEANLMKQLQHQRLVRLY
AVVTQEPIYIITEYMENGSLVDFLKTPSGIKLTINKLLDMAAQIAEGMAFIEERNYIHRDLRAANILVSDTLSCKIADFG
LARLIEDNE(PTR)TAREGAKFPIKWTAPEAINYGTFTIKSDVWSFGILLTEIVTHGRIPYPGMTNPEVIQNLERGYRMV
RPDNCPEELYQLMRLCWKERPEDRPTFDYLRSVLEDFFTATEGQYQPQP
;
_entity_poly.pdbx_strand_id   A
#
# COMPACT_ATOMS: atom_id res chain seq x y z
N LYS A 7 10.06 7.89 23.44
CA LYS A 7 9.86 7.18 24.73
C LYS A 7 10.65 5.88 24.79
N PRO A 8 11.35 5.64 25.91
CA PRO A 8 12.06 4.38 26.09
C PRO A 8 11.10 3.21 26.24
N TRP A 9 11.56 2.01 25.89
CA TRP A 9 10.70 0.83 25.91
C TRP A 9 9.96 0.59 27.23
N TRP A 10 10.54 1.04 28.34
CA TRP A 10 9.90 0.84 29.64
C TRP A 10 8.80 1.89 29.87
N GLU A 11 8.59 2.73 28.88
CA GLU A 11 7.57 3.76 28.95
C GLU A 11 6.68 3.76 27.71
N ASP A 12 7.15 3.11 26.66
CA ASP A 12 6.43 3.08 25.39
C ASP A 12 5.17 2.22 25.50
N GLU A 13 4.00 2.87 25.41
CA GLU A 13 2.72 2.17 25.49
C GLU A 13 2.54 1.06 24.45
N TRP A 14 3.34 1.10 23.38
CA TRP A 14 3.26 0.07 22.34
C TRP A 14 4.15 -1.13 22.62
N GLU A 15 4.89 -1.09 23.73
CA GLU A 15 5.76 -2.19 24.11
C GLU A 15 4.97 -3.27 24.83
N VAL A 16 5.15 -4.52 24.41
CA VAL A 16 4.57 -5.66 25.11
C VAL A 16 5.65 -6.70 25.42
N PRO A 17 5.45 -7.48 26.49
CA PRO A 17 6.32 -8.61 26.80
C PRO A 17 6.15 -9.69 25.73
N ARG A 18 7.25 -10.30 25.30
CA ARG A 18 7.16 -11.31 24.25
C ARG A 18 6.23 -12.45 24.65
N GLU A 19 6.06 -12.64 25.96
CA GLU A 19 5.24 -13.73 26.49
C GLU A 19 3.76 -13.60 26.13
N THR A 20 3.34 -12.41 25.72
CA THR A 20 1.94 -12.16 25.36
C THR A 20 1.64 -12.75 23.99
N LEU A 21 2.68 -13.11 23.25
CA LEU A 21 2.53 -13.51 21.86
C LEU A 21 2.75 -14.99 21.62
N LYS A 22 1.86 -15.59 20.84
CA LYS A 22 2.07 -16.94 20.37
C LYS A 22 1.94 -17.03 18.85
N LEU A 23 3.08 -17.20 18.18
CA LEU A 23 3.10 -17.34 16.72
C LEU A 23 2.52 -18.70 16.33
N VAL A 24 1.47 -18.68 15.51
CA VAL A 24 0.76 -19.91 15.16
C VAL A 24 1.03 -20.45 13.76
N GLU A 25 0.95 -19.57 12.76
CA GLU A 25 1.14 -19.97 11.36
C GLU A 25 2.02 -18.97 10.61
N ARG A 26 3.08 -19.45 9.98
CA ARG A 26 3.97 -18.58 9.21
C ARG A 26 3.36 -18.28 7.85
N LEU A 27 3.14 -16.99 7.58
CA LEU A 27 2.51 -16.54 6.34
C LEU A 27 3.53 -16.21 5.26
N GLY A 28 4.72 -15.81 5.69
CA GLY A 28 5.77 -15.39 4.75
C GLY A 28 7.16 -15.49 5.35
N ALA A 29 8.14 -15.71 4.48
CA ALA A 29 9.53 -15.76 4.89
C ALA A 29 10.39 -15.19 3.78
N GLY A 30 11.18 -14.18 4.12
CA GLY A 30 12.04 -13.52 3.16
C GLY A 30 13.43 -13.27 3.72
N GLN A 31 14.15 -12.38 3.05
CA GLN A 31 15.53 -12.07 3.39
C GLN A 31 15.64 -11.40 4.76
N PHE A 32 14.67 -10.56 5.08
CA PHE A 32 14.76 -9.72 6.28
C PHE A 32 13.94 -10.24 7.45
N GLY A 33 13.31 -11.40 7.29
CA GLY A 33 12.57 -12.00 8.38
C GLY A 33 11.29 -12.70 7.96
N GLU A 34 10.41 -12.94 8.92
CA GLU A 34 9.19 -13.70 8.67
C GLU A 34 7.92 -12.92 9.00
N VAL A 35 6.78 -13.43 8.53
CA VAL A 35 5.48 -12.87 8.86
C VAL A 35 4.55 -13.97 9.34
N TRP A 36 4.05 -13.83 10.57
CA TRP A 36 3.26 -14.87 11.21
C TRP A 36 1.87 -14.40 11.58
N MET A 37 0.91 -15.33 11.52
CA MET A 37 -0.37 -15.14 12.20
C MET A 37 -0.15 -15.54 13.65
N GLY A 38 -0.62 -14.72 14.58
CA GLY A 38 -0.40 -15.01 15.98
C GLY A 38 -1.62 -14.74 16.83
N TYR A 39 -1.44 -14.83 18.15
CA TYR A 39 -2.46 -14.42 19.09
C TYR A 39 -1.83 -13.61 20.21
N TYR A 40 -2.49 -12.52 20.57
CA TYR A 40 -2.05 -11.73 21.70
C TYR A 40 -2.91 -12.07 22.89
N ASN A 41 -2.28 -12.40 24.01
CA ASN A 41 -3.01 -12.78 25.22
C ASN A 41 -4.10 -13.82 24.94
N GLY A 42 -3.76 -14.81 24.12
CA GLY A 42 -4.64 -15.96 23.90
C GLY A 42 -5.77 -15.78 22.91
N HIS A 43 -6.42 -14.62 22.92
CA HIS A 43 -7.66 -14.44 22.18
C HIS A 43 -7.64 -13.55 20.95
N THR A 44 -6.82 -12.51 21.00
CA THR A 44 -6.81 -11.50 19.93
C THR A 44 -5.87 -11.88 18.79
N LYS A 45 -6.44 -12.17 17.63
CA LYS A 45 -5.66 -12.50 16.44
C LYS A 45 -4.86 -11.30 15.93
N VAL A 46 -3.56 -11.49 15.74
CA VAL A 46 -2.69 -10.42 15.25
C VAL A 46 -1.73 -10.93 14.17
N ALA A 47 -1.01 -10.01 13.54
CA ALA A 47 0.01 -10.37 12.58
C ALA A 47 1.38 -10.00 13.15
N VAL A 48 2.30 -10.94 13.15
CA VAL A 48 3.63 -10.69 13.70
C VAL A 48 4.72 -10.71 12.64
N LYS A 49 5.37 -9.56 12.48
CA LYS A 49 6.51 -9.44 11.57
C LYS A 49 7.78 -9.49 12.40
N SER A 50 8.64 -10.47 12.11
CA SER A 50 9.86 -10.66 12.87
C SER A 50 11.08 -10.32 12.03
N LEU A 51 12.12 -9.83 12.68
CA LEU A 51 13.34 -9.44 11.97
C LEU A 51 14.41 -10.51 12.14
N LYS A 52 15.02 -10.90 11.03
CA LYS A 52 16.15 -11.81 11.04
C LYS A 52 17.42 -11.04 11.39
N GLN A 53 17.99 -11.34 12.56
CA GLN A 53 19.18 -10.64 13.03
C GLN A 53 20.24 -10.57 11.94
N GLY A 54 20.83 -9.39 11.76
CA GLY A 54 21.94 -9.23 10.84
C GLY A 54 21.53 -8.91 9.41
N SER A 55 20.34 -9.34 9.02
CA SER A 55 19.83 -9.10 7.67
C SER A 55 19.69 -7.61 7.35
N MET A 56 19.47 -6.82 8.39
CA MET A 56 19.34 -5.37 8.27
C MET A 56 19.31 -4.73 9.65
N SER A 57 19.40 -3.40 9.68
CA SER A 57 19.48 -2.66 10.93
C SER A 57 18.16 -2.63 11.69
N PRO A 58 18.21 -2.94 12.99
CA PRO A 58 17.05 -2.88 13.87
C PRO A 58 16.40 -1.50 13.83
N ASP A 59 17.23 -0.46 13.84
CA ASP A 59 16.72 0.91 13.77
C ASP A 59 15.92 1.09 12.49
N ALA A 60 16.48 0.66 11.36
CA ALA A 60 15.79 0.69 10.08
C ALA A 60 14.50 -0.13 10.14
N PHE A 61 14.56 -1.30 10.77
CA PHE A 61 13.39 -2.14 10.94
C PHE A 61 12.32 -1.45 11.76
N LEU A 62 12.72 -0.87 12.90
CA LEU A 62 11.77 -0.25 13.82
C LEU A 62 11.23 1.09 13.32
N ALA A 63 11.89 1.66 12.33
CA ALA A 63 11.46 2.94 11.76
C ALA A 63 10.03 2.87 11.20
N GLU A 64 9.63 1.70 10.73
CA GLU A 64 8.28 1.51 10.20
C GLU A 64 7.21 1.62 11.29
N ALA A 65 7.46 1.01 12.44
CA ALA A 65 6.51 1.06 13.55
C ALA A 65 6.37 2.46 14.11
N ASN A 66 7.49 3.17 14.26
CA ASN A 66 7.47 4.55 14.74
C ASN A 66 6.59 5.43 13.86
N LEU A 67 6.65 5.19 12.54
CA LEU A 67 5.86 5.95 11.59
C LEU A 67 4.37 5.62 11.71
N MET A 68 4.07 4.35 11.97
CA MET A 68 2.70 3.90 12.15
C MET A 68 2.08 4.47 13.42
N LYS A 69 2.90 4.76 14.41
CA LYS A 69 2.43 5.43 15.63
C LYS A 69 1.89 6.82 15.31
N GLN A 70 2.19 7.33 14.12
CA GLN A 70 1.78 8.68 13.71
C GLN A 70 0.65 8.64 12.70
N LEU A 71 0.43 7.48 12.09
CA LEU A 71 -0.57 7.35 11.03
C LEU A 71 -1.68 6.38 11.40
N GLN A 72 -2.56 6.82 12.30
CA GLN A 72 -3.63 5.98 12.79
C GLN A 72 -4.98 6.40 12.21
N HIS A 73 -5.68 5.45 11.59
CA HIS A 73 -6.94 5.70 10.92
C HIS A 73 -7.60 4.37 10.60
N GLN A 74 -8.92 4.35 10.48
CA GLN A 74 -9.63 3.10 10.18
C GLN A 74 -9.18 2.45 8.88
N ARG A 75 -8.73 3.27 7.93
CA ARG A 75 -8.41 2.76 6.58
C ARG A 75 -6.93 2.42 6.40
N LEU A 76 -6.16 2.51 7.49
CA LEU A 76 -4.76 2.13 7.48
C LEU A 76 -4.51 1.04 8.51
N VAL A 77 -3.81 -0.02 8.11
CA VAL A 77 -3.46 -1.11 9.02
C VAL A 77 -2.86 -0.55 10.29
N ARG A 78 -3.34 -1.04 11.44
CA ARG A 78 -3.00 -0.46 12.73
C ARG A 78 -1.84 -1.15 13.47
N LEU A 79 -0.97 -0.34 14.07
CA LEU A 79 0.08 -0.87 14.93
C LEU A 79 -0.52 -1.39 16.23
N TYR A 80 -0.20 -2.64 16.56
CA TYR A 80 -0.73 -3.27 17.75
C TYR A 80 0.30 -3.26 18.89
N ALA A 81 1.58 -3.35 18.55
CA ALA A 81 2.63 -3.38 19.55
C ALA A 81 4.01 -3.67 18.97
N VAL A 82 5.04 -3.49 19.79
CA VAL A 82 6.41 -3.82 19.41
C VAL A 82 7.05 -4.68 20.49
N VAL A 83 8.09 -5.42 20.11
CA VAL A 83 8.97 -6.07 21.07
C VAL A 83 10.38 -5.68 20.68
N THR A 84 10.95 -4.72 21.41
CA THR A 84 12.17 -4.04 21.00
C THR A 84 13.48 -4.70 21.44
N GLN A 85 13.45 -6.02 21.68
CA GLN A 85 14.68 -6.77 21.97
C GLN A 85 14.72 -7.99 21.06
N GLU A 86 15.92 -8.35 20.61
CA GLU A 86 16.09 -9.39 19.59
C GLU A 86 15.61 -10.78 20.01
N PRO A 87 14.85 -11.45 19.11
CA PRO A 87 14.44 -10.90 17.81
C PRO A 87 13.32 -9.85 17.92
N ILE A 88 13.49 -8.76 17.19
CA ILE A 88 12.52 -7.66 17.20
C ILE A 88 11.20 -8.09 16.57
N TYR A 89 10.10 -7.80 17.24
CA TYR A 89 8.78 -8.05 16.67
C TYR A 89 8.05 -6.76 16.39
N ILE A 90 7.40 -6.68 15.23
CA ILE A 90 6.39 -5.67 14.97
C ILE A 90 5.04 -6.37 14.85
N ILE A 91 4.08 -5.96 15.67
CA ILE A 91 2.77 -6.60 15.71
C ILE A 91 1.69 -5.64 15.20
N THR A 92 0.96 -6.06 14.18
CA THR A 92 -0.01 -5.19 13.53
C THR A 92 -1.40 -5.83 13.44
N GLU A 93 -2.38 -5.00 13.09
CA GLU A 93 -3.76 -5.45 12.84
C GLU A 93 -3.75 -6.60 11.84
N TYR A 94 -4.55 -7.62 12.11
CA TYR A 94 -4.60 -8.79 11.24
C TYR A 94 -5.72 -8.69 10.21
N MET A 95 -5.38 -8.87 8.95
CA MET A 95 -6.36 -8.83 7.87
C MET A 95 -6.62 -10.24 7.32
N GLU A 96 -7.85 -10.71 7.51
CA GLU A 96 -8.21 -12.12 7.26
C GLU A 96 -8.10 -12.55 5.80
N ASN A 97 -8.31 -11.62 4.87
CA ASN A 97 -8.28 -11.95 3.46
C ASN A 97 -6.94 -11.67 2.77
N GLY A 98 -6.01 -11.11 3.54
CA GLY A 98 -4.63 -10.97 3.08
C GLY A 98 -4.42 -9.88 2.05
N SER A 99 -3.52 -10.14 1.11
CA SER A 99 -3.18 -9.20 0.07
C SER A 99 -4.30 -9.06 -0.95
N LEU A 100 -4.55 -7.83 -1.40
CA LEU A 100 -5.59 -7.55 -2.40
C LEU A 100 -5.24 -8.23 -3.72
N VAL A 101 -3.97 -8.13 -4.12
CA VAL A 101 -3.53 -8.75 -5.35
C VAL A 101 -3.82 -10.25 -5.34
N ASP A 102 -3.73 -10.88 -4.17
CA ASP A 102 -4.02 -12.30 -4.05
C ASP A 102 -5.52 -12.57 -4.00
N PHE A 103 -6.23 -11.84 -3.13
CA PHE A 103 -7.65 -12.07 -2.89
C PHE A 103 -8.51 -11.94 -4.15
N LEU A 104 -8.14 -11.02 -5.03
CA LEU A 104 -8.87 -10.81 -6.26
C LEU A 104 -8.83 -12.07 -7.12
N LYS A 105 -7.83 -12.91 -6.87
CA LYS A 105 -7.57 -14.12 -7.67
C LYS A 105 -8.22 -15.39 -7.10
N THR A 106 -8.75 -15.30 -5.88
CA THR A 106 -9.43 -16.43 -5.26
C THR A 106 -10.82 -16.59 -5.88
N PRO A 107 -11.51 -17.70 -5.60
CA PRO A 107 -12.89 -17.87 -6.04
C PRO A 107 -13.80 -16.75 -5.53
N SER A 108 -13.66 -16.38 -4.26
CA SER A 108 -14.46 -15.31 -3.67
C SER A 108 -14.19 -14.00 -4.38
N GLY A 109 -12.92 -13.70 -4.61
CA GLY A 109 -12.52 -12.47 -5.29
C GLY A 109 -13.03 -12.41 -6.72
N ILE A 110 -12.99 -13.55 -7.41
CA ILE A 110 -13.33 -13.59 -8.82
C ILE A 110 -14.78 -13.21 -9.12
N LYS A 111 -15.67 -13.53 -8.19
CA LYS A 111 -17.10 -13.28 -8.38
C LYS A 111 -17.53 -11.86 -8.02
N LEU A 112 -16.61 -11.06 -7.51
CA LEU A 112 -16.91 -9.67 -7.16
C LEU A 112 -17.40 -8.88 -8.36
N THR A 113 -18.50 -8.14 -8.15
CA THR A 113 -19.07 -7.29 -9.19
C THR A 113 -18.18 -6.07 -9.39
N ILE A 114 -18.32 -5.41 -10.54
CA ILE A 114 -17.60 -4.16 -10.79
C ILE A 114 -17.95 -3.13 -9.73
N ASN A 115 -19.19 -3.20 -9.24
CA ASN A 115 -19.65 -2.36 -8.14
C ASN A 115 -18.75 -2.46 -6.91
N LYS A 116 -18.61 -3.67 -6.39
CA LYS A 116 -17.79 -3.92 -5.21
C LYS A 116 -16.33 -3.54 -5.44
N LEU A 117 -15.83 -3.74 -6.65
CA LEU A 117 -14.48 -3.34 -7.02
C LEU A 117 -14.30 -1.83 -6.91
N LEU A 118 -15.26 -1.08 -7.45
CA LEU A 118 -15.23 0.37 -7.34
C LEU A 118 -15.33 0.80 -5.87
N ASP A 119 -16.12 0.05 -5.10
CA ASP A 119 -16.23 0.24 -3.66
C ASP A 119 -14.87 0.16 -2.98
N MET A 120 -14.18 -0.96 -3.17
CA MET A 120 -12.84 -1.13 -2.60
C MET A 120 -11.89 -0.03 -3.05
N ALA A 121 -11.98 0.37 -4.32
CA ALA A 121 -11.13 1.43 -4.87
C ALA A 121 -11.38 2.74 -4.13
N ALA A 122 -12.63 2.96 -3.75
CA ALA A 122 -12.98 4.17 -3.00
C ALA A 122 -12.41 4.14 -1.57
N GLN A 123 -12.31 2.94 -0.99
CA GLN A 123 -11.80 2.79 0.38
C GLN A 123 -10.30 3.03 0.43
N ILE A 124 -9.60 2.51 -0.58
CA ILE A 124 -8.16 2.75 -0.74
C ILE A 124 -7.89 4.24 -0.86
N ALA A 125 -8.68 4.93 -1.68
CA ALA A 125 -8.50 6.36 -1.91
C ALA A 125 -8.81 7.15 -0.63
N GLU A 126 -9.85 6.71 0.07
CA GLU A 126 -10.22 7.32 1.34
C GLU A 126 -9.07 7.23 2.33
N GLY A 127 -8.37 6.10 2.31
CA GLY A 127 -7.19 5.90 3.13
C GLY A 127 -6.03 6.79 2.72
N MET A 128 -5.72 6.80 1.43
CA MET A 128 -4.65 7.67 0.92
C MET A 128 -4.98 9.15 1.15
N ALA A 129 -6.27 9.47 1.24
CA ALA A 129 -6.68 10.84 1.50
C ALA A 129 -6.29 11.30 2.90
N PHE A 130 -6.40 10.38 3.85
CA PHE A 130 -5.96 10.64 5.23
C PHE A 130 -4.46 10.85 5.27
N ILE A 131 -3.73 9.99 4.57
CA ILE A 131 -2.28 10.10 4.46
C ILE A 131 -1.91 11.45 3.85
N GLU A 132 -2.69 11.84 2.84
CA GLU A 132 -2.53 13.11 2.14
C GLU A 132 -2.60 14.30 3.08
N GLU A 133 -3.66 14.36 3.88
CA GLU A 133 -3.85 15.47 4.82
C GLU A 133 -2.77 15.55 5.90
N ARG A 134 -2.19 14.41 6.26
CA ARG A 134 -1.19 14.35 7.33
C ARG A 134 0.21 14.75 6.84
N ASN A 135 0.31 15.19 5.59
CA ASN A 135 1.61 15.51 4.98
C ASN A 135 2.56 14.32 4.91
N TYR A 136 2.01 13.14 4.66
CA TYR A 136 2.84 11.96 4.42
C TYR A 136 2.76 11.52 2.97
N ILE A 137 3.66 10.61 2.58
CA ILE A 137 3.58 9.93 1.30
C ILE A 137 3.77 8.45 1.56
N HIS A 138 3.47 7.61 0.57
CA HIS A 138 3.60 6.17 0.76
C HIS A 138 4.72 5.56 -0.08
N ARG A 139 4.77 5.91 -1.37
CA ARG A 139 5.88 5.51 -2.24
C ARG A 139 5.83 4.06 -2.73
N ASP A 140 5.00 3.24 -2.08
CA ASP A 140 4.91 1.82 -2.40
C ASP A 140 3.45 1.41 -2.56
N LEU A 141 2.65 2.31 -3.13
CA LEU A 141 1.22 2.06 -3.28
C LEU A 141 0.91 1.15 -4.48
N ARG A 142 0.31 0.01 -4.17
CA ARG A 142 0.05 -1.05 -5.16
C ARG A 142 -0.82 -2.12 -4.51
N ALA A 143 -1.45 -2.95 -5.33
CA ALA A 143 -2.39 -3.94 -4.81
C ALA A 143 -1.73 -4.89 -3.81
N ALA A 144 -0.45 -5.19 -4.05
CA ALA A 144 0.30 -6.06 -3.17
C ALA A 144 0.35 -5.50 -1.74
N ASN A 145 0.26 -4.17 -1.64
CA ASN A 145 0.33 -3.48 -0.35
C ASN A 145 -1.01 -2.93 0.14
N ILE A 146 -2.10 -3.51 -0.36
CA ILE A 146 -3.44 -3.23 0.17
C ILE A 146 -3.96 -4.52 0.79
N LEU A 147 -4.47 -4.44 2.02
CA LEU A 147 -4.95 -5.64 2.71
C LEU A 147 -6.47 -5.65 2.86
N VAL A 148 -7.04 -6.83 2.78
CA VAL A 148 -8.49 -6.99 2.82
C VAL A 148 -8.92 -7.67 4.12
N SER A 149 -10.08 -7.30 4.64
CA SER A 149 -10.60 -7.86 5.87
C SER A 149 -11.63 -8.96 5.61
N ASP A 150 -12.05 -9.63 6.68
CA ASP A 150 -13.05 -10.68 6.60
C ASP A 150 -14.43 -10.14 6.22
N THR A 151 -14.59 -8.81 6.22
CA THR A 151 -15.85 -8.17 5.78
C THR A 151 -15.71 -7.54 4.39
N LEU A 152 -14.59 -7.80 3.75
CA LEU A 152 -14.29 -7.27 2.41
C LEU A 152 -14.04 -5.77 2.39
N SER A 153 -13.32 -5.28 3.40
CA SER A 153 -12.90 -3.88 3.43
C SER A 153 -11.40 -3.82 3.19
N CYS A 154 -10.90 -2.65 2.79
CA CYS A 154 -9.50 -2.51 2.40
C CYS A 154 -8.77 -1.49 3.25
N LYS A 155 -7.49 -1.75 3.49
CA LYS A 155 -6.66 -0.85 4.30
C LYS A 155 -5.25 -0.76 3.74
N ILE A 156 -4.68 0.46 3.75
CA ILE A 156 -3.30 0.64 3.31
C ILE A 156 -2.35 -0.09 4.25
N ALA A 157 -1.24 -0.58 3.73
CA ALA A 157 -0.27 -1.31 4.53
C ALA A 157 1.15 -1.09 4.06
N ASP A 158 2.12 -1.64 4.81
CA ASP A 158 3.54 -1.51 4.51
C ASP A 158 4.00 -0.06 4.38
N PHE A 159 4.39 0.54 5.49
CA PHE A 159 4.83 1.93 5.51
C PHE A 159 6.35 2.03 5.62
N GLY A 160 7.05 1.02 5.13
CA GLY A 160 8.50 1.01 5.19
C GLY A 160 9.11 2.20 4.51
N LEU A 161 8.47 2.66 3.45
CA LEU A 161 9.02 3.73 2.62
C LEU A 161 8.29 5.04 2.82
N ALA A 162 7.16 4.98 3.52
CA ALA A 162 6.38 6.16 3.85
C ALA A 162 7.26 7.22 4.51
N ARG A 163 7.05 8.47 4.17
CA ARG A 163 7.83 9.56 4.74
C ARG A 163 6.95 10.74 5.12
N LEU A 164 7.46 11.57 6.03
CA LEU A 164 6.79 12.82 6.40
C LEU A 164 7.37 13.96 5.57
N ILE A 165 6.48 14.79 5.02
CA ILE A 165 6.89 15.89 4.16
C ILE A 165 6.74 17.23 4.88
N GLU A 166 7.80 17.67 5.55
CA GLU A 166 7.83 19.03 6.09
C GLU A 166 7.94 20.00 4.92
N ASP A 167 9.11 20.02 4.28
CA ASP A 167 9.28 20.76 3.03
C ASP A 167 8.69 19.90 1.92
N ASN A 168 7.80 20.51 1.13
CA ASN A 168 6.89 19.76 0.26
C ASN A 168 7.44 18.64 -0.65
N GLU A 169 8.73 18.33 -0.53
CA GLU A 169 9.31 17.28 -1.37
C GLU A 169 10.33 16.39 -0.66
N THR A 171 13.36 13.61 -1.46
CA THR A 171 14.24 13.17 -2.53
C THR A 171 15.13 12.01 -2.08
N ALA A 172 15.06 10.90 -2.81
CA ALA A 172 15.88 9.72 -2.49
C ALA A 172 17.30 9.87 -3.03
N ARG A 173 18.06 8.77 -3.03
CA ARG A 173 19.45 8.81 -3.45
C ARG A 173 19.65 8.36 -4.90
N GLU A 174 20.91 8.20 -5.29
CA GLU A 174 21.27 7.84 -6.66
C GLU A 174 20.94 6.39 -6.99
N GLY A 175 21.48 5.47 -6.20
CA GLY A 175 21.31 4.04 -6.45
C GLY A 175 19.93 3.50 -6.11
N ALA A 176 19.09 4.35 -5.51
CA ALA A 176 17.75 3.95 -5.11
C ALA A 176 16.90 3.60 -6.33
N LYS A 177 16.40 2.36 -6.35
CA LYS A 177 15.58 1.86 -7.46
C LYS A 177 14.17 1.47 -7.00
N PHE A 178 13.19 1.69 -7.86
CA PHE A 178 11.80 1.39 -7.54
C PHE A 178 11.09 0.69 -8.70
N PRO A 179 10.05 -0.09 -8.38
CA PRO A 179 9.25 -0.77 -9.40
C PRO A 179 8.85 0.22 -10.48
N ILE A 180 9.31 -0.01 -11.71
CA ILE A 180 9.08 0.93 -12.80
C ILE A 180 7.62 1.07 -13.23
N LYS A 181 6.88 -0.04 -13.24
CA LYS A 181 5.50 -0.01 -13.69
C LYS A 181 4.58 0.81 -12.79
N TRP A 182 4.89 0.84 -11.50
CA TRP A 182 4.00 1.48 -10.53
C TRP A 182 4.43 2.88 -10.16
N THR A 183 5.68 3.21 -10.44
CA THR A 183 6.27 4.46 -9.99
C THR A 183 6.19 5.56 -11.05
N ALA A 184 5.83 6.76 -10.61
CA ALA A 184 5.71 7.91 -11.51
C ALA A 184 7.07 8.28 -12.13
N PRO A 185 7.05 8.85 -13.34
CA PRO A 185 8.26 9.23 -14.06
C PRO A 185 9.23 10.09 -13.25
N GLU A 186 8.70 11.09 -12.53
CA GLU A 186 9.56 12.02 -11.81
C GLU A 186 10.33 11.37 -10.66
N ALA A 187 9.74 10.31 -10.09
CA ALA A 187 10.42 9.59 -9.02
C ALA A 187 11.43 8.61 -9.59
N ILE A 188 11.11 8.04 -10.75
CA ILE A 188 12.04 7.17 -11.45
C ILE A 188 13.24 7.96 -11.96
N ASN A 189 12.98 9.11 -12.56
CA ASN A 189 14.02 9.90 -13.21
C ASN A 189 14.86 10.79 -12.28
N TYR A 190 14.21 11.43 -11.32
CA TYR A 190 14.88 12.41 -10.46
C TYR A 190 14.96 11.98 -9.00
N GLY A 191 14.22 10.92 -8.67
CA GLY A 191 14.17 10.46 -7.29
C GLY A 191 13.33 11.39 -6.40
N THR A 192 12.51 12.22 -7.05
CA THR A 192 11.62 13.11 -6.31
C THR A 192 10.23 12.51 -6.12
N PHE A 193 9.78 12.45 -4.87
CA PHE A 193 8.48 11.86 -4.55
C PHE A 193 7.56 12.91 -3.90
N THR A 194 6.30 12.91 -4.30
CA THR A 194 5.29 13.69 -3.59
C THR A 194 4.00 12.90 -3.54
N ILE A 195 2.99 13.44 -2.87
CA ILE A 195 1.71 12.77 -2.80
C ILE A 195 1.17 12.57 -4.21
N LYS A 196 1.61 13.43 -5.13
CA LYS A 196 1.22 13.32 -6.54
C LYS A 196 1.86 12.11 -7.19
N SER A 197 3.03 11.69 -6.68
CA SER A 197 3.67 10.46 -7.13
C SER A 197 2.79 9.27 -6.76
N ASP A 198 2.24 9.32 -5.55
CA ASP A 198 1.33 8.27 -5.09
C ASP A 198 0.09 8.24 -5.98
N VAL A 199 -0.43 9.41 -6.32
CA VAL A 199 -1.60 9.48 -7.19
C VAL A 199 -1.36 8.64 -8.44
N TRP A 200 -0.18 8.82 -9.04
CA TRP A 200 0.19 8.05 -10.22
C TRP A 200 0.12 6.55 -9.94
N SER A 201 0.69 6.13 -8.82
CA SER A 201 0.66 4.71 -8.45
C SER A 201 -0.79 4.25 -8.31
N PHE A 202 -1.60 5.04 -7.60
CA PHE A 202 -3.00 4.72 -7.44
C PHE A 202 -3.66 4.44 -8.79
N GLY A 203 -3.25 5.18 -9.81
CA GLY A 203 -3.70 4.92 -11.17
C GLY A 203 -3.40 3.51 -11.62
N ILE A 204 -2.15 3.08 -11.46
CA ILE A 204 -1.76 1.71 -11.81
C ILE A 204 -2.57 0.72 -10.98
N LEU A 205 -2.67 0.98 -9.69
CA LEU A 205 -3.38 0.12 -8.76
C LEU A 205 -4.82 -0.13 -9.20
N LEU A 206 -5.43 0.89 -9.81
CA LEU A 206 -6.78 0.74 -10.36
C LEU A 206 -6.88 -0.32 -11.44
N THR A 207 -5.84 -0.44 -12.27
CA THR A 207 -5.82 -1.46 -13.32
C THR A 207 -5.65 -2.84 -12.71
N GLU A 208 -4.93 -2.91 -11.59
CA GLU A 208 -4.82 -4.15 -10.84
C GLU A 208 -6.19 -4.60 -10.34
N ILE A 209 -6.99 -3.65 -9.86
CA ILE A 209 -8.32 -3.95 -9.33
C ILE A 209 -9.25 -4.52 -10.40
N VAL A 210 -9.30 -3.85 -11.54
CA VAL A 210 -10.27 -4.20 -12.57
C VAL A 210 -9.88 -5.42 -13.40
N THR A 211 -8.60 -5.79 -13.35
CA THR A 211 -8.12 -6.97 -14.07
C THR A 211 -7.81 -8.10 -13.10
N HIS A 212 -8.47 -8.05 -11.94
CA HIS A 212 -8.28 -9.06 -10.89
C HIS A 212 -6.83 -9.39 -10.56
N GLY A 213 -5.97 -8.37 -10.58
CA GLY A 213 -4.59 -8.50 -10.09
C GLY A 213 -3.54 -8.75 -11.16
N ARG A 214 -3.91 -8.62 -12.43
CA ARG A 214 -2.97 -8.80 -13.53
C ARG A 214 -1.85 -7.78 -13.46
N ILE A 215 -0.67 -8.18 -13.94
CA ILE A 215 0.50 -7.30 -14.00
C ILE A 215 0.30 -6.18 -15.04
N PRO A 216 0.54 -4.93 -14.62
CA PRO A 216 0.36 -3.72 -15.44
C PRO A 216 1.14 -3.72 -16.75
N TYR A 217 0.63 -3.00 -17.73
CA TYR A 217 1.27 -2.89 -19.05
C TYR A 217 1.51 -4.29 -19.62
N PRO A 218 0.43 -5.07 -19.78
CA PRO A 218 0.51 -6.44 -20.28
C PRO A 218 1.49 -6.60 -21.42
N GLY A 219 2.47 -7.49 -21.26
CA GLY A 219 3.38 -7.86 -22.33
C GLY A 219 4.41 -6.81 -22.72
N MET A 220 4.64 -5.83 -21.84
CA MET A 220 5.68 -4.85 -22.09
C MET A 220 6.80 -4.96 -21.06
N THR A 221 8.05 -4.90 -21.55
CA THR A 221 9.21 -4.84 -20.67
C THR A 221 9.29 -3.43 -20.11
N ASN A 222 9.97 -3.29 -18.97
CA ASN A 222 10.15 -1.96 -18.36
C ASN A 222 10.58 -0.88 -19.36
N PRO A 223 11.61 -1.14 -20.19
CA PRO A 223 12.08 -0.16 -21.17
C PRO A 223 11.04 0.20 -22.22
N GLU A 224 10.15 -0.73 -22.55
CA GLU A 224 9.06 -0.43 -23.47
C GLU A 224 8.04 0.50 -22.80
N VAL A 225 7.85 0.32 -21.49
CA VAL A 225 6.94 1.15 -20.72
C VAL A 225 7.45 2.60 -20.61
N ILE A 226 8.73 2.76 -20.32
CA ILE A 226 9.33 4.09 -20.28
C ILE A 226 9.26 4.76 -21.64
N GLN A 227 9.58 4.01 -22.70
CA GLN A 227 9.57 4.57 -24.05
C GLN A 227 8.17 5.02 -24.43
N ASN A 228 7.16 4.19 -24.15
CA ASN A 228 5.77 4.53 -24.46
C ASN A 228 5.26 5.75 -23.72
N LEU A 229 5.56 5.82 -22.42
CA LEU A 229 5.13 6.95 -21.61
C LEU A 229 5.68 8.26 -22.15
N GLU A 230 6.94 8.24 -22.57
CA GLU A 230 7.59 9.46 -23.05
C GLU A 230 6.99 9.93 -24.38
N ARG A 231 6.42 8.99 -25.13
CA ARG A 231 5.76 9.33 -26.39
C ARG A 231 4.41 10.01 -26.14
N GLY A 232 3.93 9.95 -24.90
CA GLY A 232 2.62 10.49 -24.56
C GLY A 232 1.57 9.40 -24.41
N TYR A 233 1.95 8.17 -24.70
CA TYR A 233 1.06 7.01 -24.52
C TYR A 233 0.90 6.71 -23.04
N ARG A 234 -0.25 6.14 -22.68
CA ARG A 234 -0.45 5.58 -21.34
C ARG A 234 -0.86 4.13 -21.48
N MET A 235 -1.07 3.44 -20.36
CA MET A 235 -1.44 2.04 -20.43
C MET A 235 -2.69 1.85 -21.28
N VAL A 236 -2.62 0.89 -22.19
CA VAL A 236 -3.74 0.48 -23.02
C VAL A 236 -4.95 0.11 -22.15
N ARG A 237 -6.14 0.51 -22.60
CA ARG A 237 -7.39 0.16 -21.92
C ARG A 237 -7.45 -1.31 -21.53
N PRO A 238 -7.44 -1.60 -20.22
CA PRO A 238 -7.58 -2.97 -19.75
C PRO A 238 -8.90 -3.61 -20.20
N ASP A 239 -8.92 -4.93 -20.35
CA ASP A 239 -10.14 -5.66 -20.69
C ASP A 239 -11.21 -5.44 -19.62
N ASN A 240 -12.44 -5.21 -20.06
CA ASN A 240 -13.57 -5.07 -19.14
C ASN A 240 -13.45 -3.87 -18.19
N CYS A 241 -12.85 -2.80 -18.69
CA CYS A 241 -12.63 -1.60 -17.88
C CYS A 241 -13.67 -0.53 -18.22
N PRO A 242 -14.50 -0.16 -17.23
CA PRO A 242 -15.42 0.94 -17.44
C PRO A 242 -14.65 2.16 -17.96
N GLU A 243 -15.14 2.78 -19.03
CA GLU A 243 -14.49 3.93 -19.62
C GLU A 243 -14.37 5.08 -18.61
N GLU A 244 -15.34 5.19 -17.71
CA GLU A 244 -15.28 6.19 -16.64
C GLU A 244 -14.03 5.97 -15.78
N LEU A 245 -13.82 4.73 -15.37
CA LEU A 245 -12.66 4.38 -14.57
C LEU A 245 -11.36 4.63 -15.33
N TYR A 246 -11.34 4.26 -16.61
CA TYR A 246 -10.14 4.45 -17.42
C TYR A 246 -9.79 5.94 -17.55
N GLN A 247 -10.81 6.78 -17.68
CA GLN A 247 -10.59 8.22 -17.78
C GLN A 247 -10.16 8.78 -16.43
N LEU A 248 -10.45 8.03 -15.37
CA LEU A 248 -10.03 8.43 -14.04
C LEU A 248 -8.56 8.04 -13.85
N MET A 249 -8.19 6.86 -14.35
CA MET A 249 -6.81 6.42 -14.34
C MET A 249 -5.95 7.45 -15.06
N ARG A 250 -6.46 7.94 -16.18
CA ARG A 250 -5.73 8.90 -17.01
C ARG A 250 -5.43 10.22 -16.29
N LEU A 251 -6.40 10.73 -15.53
CA LEU A 251 -6.16 11.90 -14.68
C LEU A 251 -4.98 11.64 -13.76
N CYS A 252 -4.90 10.42 -13.25
CA CYS A 252 -3.80 10.02 -12.36
C CYS A 252 -2.47 10.05 -13.11
N TRP A 253 -2.53 9.81 -14.42
CA TRP A 253 -1.31 9.66 -15.20
C TRP A 253 -0.93 10.92 -15.96
N LYS A 254 -1.49 12.06 -15.56
CA LYS A 254 -1.16 13.33 -16.20
C LYS A 254 0.34 13.61 -16.13
N GLU A 255 0.85 14.30 -17.15
CA GLU A 255 2.29 14.57 -17.28
C GLU A 255 2.83 15.37 -16.10
N ARG A 256 2.17 16.48 -15.80
CA ARG A 256 2.61 17.34 -14.71
C ARG A 256 1.98 16.92 -13.40
N PRO A 257 2.81 16.60 -12.40
CA PRO A 257 2.34 16.22 -11.07
C PRO A 257 1.20 17.11 -10.57
N GLU A 258 1.35 18.43 -10.67
CA GLU A 258 0.35 19.33 -10.11
C GLU A 258 -0.99 19.30 -10.84
N ASP A 259 -1.01 18.69 -12.03
CA ASP A 259 -2.25 18.54 -12.78
C ASP A 259 -3.02 17.30 -12.33
N ARG A 260 -2.32 16.37 -11.68
CA ARG A 260 -2.96 15.16 -11.18
C ARG A 260 -3.86 15.51 -10.00
N PRO A 261 -5.00 14.80 -9.88
CA PRO A 261 -6.02 15.11 -8.88
C PRO A 261 -5.58 14.77 -7.46
N THR A 262 -6.27 15.33 -6.46
CA THR A 262 -6.02 14.99 -5.06
C THR A 262 -6.62 13.62 -4.77
N PHE A 263 -6.26 13.04 -3.62
CA PHE A 263 -6.86 11.77 -3.24
C PHE A 263 -8.29 11.98 -2.77
N ASP A 264 -8.58 13.15 -2.21
CA ASP A 264 -9.94 13.47 -1.79
C ASP A 264 -10.89 13.55 -3.00
N TYR A 265 -10.41 14.15 -4.08
CA TYR A 265 -11.19 14.18 -5.31
C TYR A 265 -11.45 12.76 -5.82
N LEU A 266 -10.39 11.97 -5.87
CA LEU A 266 -10.46 10.58 -6.34
C LEU A 266 -11.47 9.76 -5.55
N ARG A 267 -11.48 9.94 -4.22
CA ARG A 267 -12.41 9.23 -3.36
C ARG A 267 -13.85 9.58 -3.71
N SER A 268 -14.16 10.87 -3.69
CA SER A 268 -15.52 11.32 -3.96
C SER A 268 -16.01 10.86 -5.33
N VAL A 269 -15.13 10.87 -6.32
CA VAL A 269 -15.49 10.43 -7.66
C VAL A 269 -15.80 8.94 -7.68
N LEU A 270 -14.96 8.15 -7.02
CA LEU A 270 -15.16 6.70 -6.96
C LEU A 270 -16.44 6.34 -6.21
N GLU A 271 -16.88 7.20 -5.31
CA GLU A 271 -18.12 6.97 -4.56
C GLU A 271 -19.36 7.24 -5.38
N ASP A 272 -19.32 8.26 -6.21
CA ASP A 272 -20.40 8.50 -7.18
C ASP A 272 -20.51 7.32 -8.15
N PHE A 273 -19.35 6.81 -8.57
CA PHE A 273 -19.29 5.69 -9.50
C PHE A 273 -19.95 4.47 -8.87
N PHE A 274 -19.70 4.27 -7.59
CA PHE A 274 -20.15 3.09 -6.86
C PHE A 274 -21.65 3.08 -6.56
N THR A 275 -22.18 4.20 -6.07
CA THR A 275 -23.61 4.30 -5.78
C THR A 275 -24.43 4.36 -7.07
N ALA A 276 -23.75 4.61 -8.19
CA ALA A 276 -24.42 4.69 -9.49
C ALA A 276 -24.68 3.31 -10.06
N THR A 277 -23.88 2.33 -9.64
CA THR A 277 -24.00 0.96 -10.11
C THR A 277 -24.49 0.04 -8.99
N GLU A 278 -23.82 -0.94 -8.65
#